data_6CTT
#
_entry.id   6CTT
#
_cell.length_a   50.825
_cell.length_b   79.508
_cell.length_c   55.524
_cell.angle_alpha   90.00
_cell.angle_beta   107.67
_cell.angle_gamma   90.00
#
_symmetry.space_group_name_H-M   'P 1 21 1'
#
loop_
_entity.id
_entity.type
_entity.pdbx_description
1 polymer "DNA (5'-D(*CP*CP*GP*AP*CP*GP*TP*CP*GP*CP*AP*TP*CP*AP*GP*C)-3')"
2 polymer "DNA (5'-D(*GP*CP*TP*GP*AP*TP*GP*CP*GP*(2DA))-3')"
3 polymer "DNA (5'-D(P*GP*TP*CP*GP*G)-3')"
4 polymer 'DNA polymerase beta'
5 non-polymer 'MAGNESIUM ION'
6 non-polymer 'SODIUM ION'
7 non-polymer "5'-O-[(R)-{[(R)-[(R)-chloro(phosphono)methyl](hydroxy)phosphoryl]oxy}(hydroxy)phosphoryl]-2'-deoxycytidine"
8 non-polymer "5'-O-[(R)-{[(R)-[(S)-chloro(phosphono)methyl](hydroxy)phosphoryl]oxy}(hydroxy)phosphoryl]-2'-deoxycytidine"
9 non-polymer "2'-DEOXYCYTIDINE-5'-MONOPHOSPHATE"
10 non-polymer 'CHLORIDE ION'
11 water water
#
loop_
_entity_poly.entity_id
_entity_poly.type
_entity_poly.pdbx_seq_one_letter_code
_entity_poly.pdbx_strand_id
1 'polydeoxyribonucleotide' (DC)(DC)(DG)(DA)(DC)(DG)(DT)(DC)(DG)(DC)(DA)(DT)(DC)(DA)(DG)(DC) T
2 'polydeoxyribonucleotide' (DG)(DC)(DT)(DG)(DA)(DT)(DG)(DC)(DG)(2DA) P
3 'polydeoxyribonucleotide' (DG)(DT)(DC)(DG)(DG) D
4 'polypeptide(L)'
;MSKRKAPQETLNGGITDMLTELANFEKNVSQAIHKYNAYRKAASVIAKYPHKIKSGAEAKKLPGVGTKILEKIDEFLATG
KLRKLEKIRQDDTSSSINFLTRVSGIGPSAARKFVDEGIKTLEDLRKNEDKLNHHQRIGLKYFGDFEKRIPREEMLQMQD
IVLNEVKKVDSEYIATVCGSFRRGAESSGDMDVLLTHPSFTSESTKQPKLLHQVVEQLQKVHFITDTLSKGETKFMGVCQ
LPSKNDEKEYPHRRIDIRLIPKDQYYCGVLYFTGSDIFNKNMRAHALEKGFTINEYTIRPLGVTGVAGEPLPVDSEKDIF
DYIQWKYREPKDRSE
;
A
#
# COMPACT_ATOMS: atom_id res chain seq x y z
N THR D 10 19.46 -1.38 -8.82
CA THR D 10 20.18 -0.74 -7.73
C THR D 10 21.31 -1.65 -7.26
N LEU D 11 22.00 -1.24 -6.17
CA LEU D 11 23.26 -1.86 -5.80
C LEU D 11 23.08 -3.29 -5.31
N ASN D 12 21.97 -3.58 -4.61
CA ASN D 12 21.78 -4.86 -3.96
C ASN D 12 20.47 -5.50 -4.40
N GLY D 13 20.14 -5.31 -5.68
CA GLY D 13 18.84 -5.78 -6.18
C GLY D 13 18.65 -7.27 -6.07
N GLY D 14 19.69 -8.06 -6.30
CA GLY D 14 19.56 -9.50 -6.20
C GLY D 14 19.17 -9.96 -4.80
N ILE D 15 19.82 -9.39 -3.78
CA ILE D 15 19.51 -9.71 -2.39
C ILE D 15 18.10 -9.25 -2.04
N THR D 16 17.75 -8.03 -2.41
CA THR D 16 16.44 -7.52 -1.99
C THR D 16 15.31 -8.27 -2.69
N ASP D 17 15.47 -8.61 -3.98
CA ASP D 17 14.46 -9.44 -4.63
C ASP D 17 14.30 -10.78 -3.92
N MET D 18 15.42 -11.39 -3.51
CA MET D 18 15.36 -12.67 -2.82
C MET D 18 14.56 -12.54 -1.52
N LEU D 19 14.84 -11.48 -0.75
CA LEU D 19 14.14 -11.27 0.51
C LEU D 19 12.67 -10.94 0.29
N THR D 20 12.35 -10.24 -0.80
CA THR D 20 10.95 -9.96 -1.11
C THR D 20 10.20 -11.23 -1.49
N GLU D 21 10.82 -12.08 -2.31
CA GLU D 21 10.21 -13.35 -2.66
C GLU D 21 9.96 -14.19 -1.40
N LEU D 22 10.93 -14.22 -0.49
CA LEU D 22 10.73 -14.92 0.79
C LEU D 22 9.61 -14.29 1.59
N ALA D 23 9.52 -12.96 1.57
CA ALA D 23 8.44 -12.28 2.28
C ALA D 23 7.09 -12.73 1.73
N ASN D 24 6.98 -12.79 0.40
CA ASN D 24 5.71 -13.17 -0.22
C ASN D 24 5.35 -14.62 0.07
N PHE D 25 6.34 -15.51 0.11
CA PHE D 25 6.10 -16.89 0.49
C PHE D 25 5.51 -16.97 1.89
N GLU D 26 6.15 -16.30 2.85
CA GLU D 26 5.72 -16.40 4.24
C GLU D 26 4.31 -15.84 4.42
N LYS D 27 3.97 -14.77 3.71
CA LYS D 27 2.64 -14.21 3.80
C LYS D 27 1.60 -15.11 3.10
N ASN D 28 1.86 -15.45 1.84
CA ASN D 28 0.85 -16.11 1.00
C ASN D 28 0.70 -17.59 1.33
N VAL D 29 1.81 -18.30 1.56
CA VAL D 29 1.80 -19.75 1.72
C VAL D 29 1.83 -20.11 3.20
N SER D 30 2.83 -19.62 3.93
CA SER D 30 2.97 -19.95 5.35
C SER D 30 1.95 -19.22 6.21
N GLN D 31 1.35 -18.14 5.70
CA GLN D 31 0.46 -17.29 6.48
C GLN D 31 1.12 -16.90 7.79
N ALA D 32 2.34 -16.37 7.68
CA ALA D 32 3.15 -15.92 8.82
C ALA D 32 3.38 -14.42 8.67
N ILE D 33 2.45 -13.62 9.20
CA ILE D 33 2.48 -12.18 8.96
C ILE D 33 3.73 -11.54 9.53
N HIS D 34 4.28 -12.09 10.62
CA HIS D 34 5.41 -11.41 11.22
C HIS D 34 6.70 -11.73 10.47
N LYS D 35 6.82 -12.93 9.90
CA LYS D 35 7.96 -13.24 9.03
C LYS D 35 7.89 -12.42 7.74
N TYR D 36 6.68 -12.24 7.19
CA TYR D 36 6.50 -11.38 6.03
C TYR D 36 7.05 -9.99 6.31
N ASN D 37 6.65 -9.38 7.43
CA ASN D 37 7.10 -8.03 7.76
C ASN D 37 8.60 -7.99 8.03
N ALA D 38 9.14 -9.03 8.67
CA ALA D 38 10.57 -9.07 8.96
C ALA D 38 11.39 -9.09 7.67
N TYR D 39 11.00 -9.95 6.71
CA TYR D 39 11.71 -9.96 5.44
C TYR D 39 11.58 -8.63 4.72
N ARG D 40 10.39 -8.03 4.73
CA ARG D 40 10.23 -6.75 4.02
C ARG D 40 11.04 -5.64 4.69
N LYS D 41 11.13 -5.67 6.02
CA LYS D 41 11.95 -4.69 6.73
C LYS D 41 13.43 -4.87 6.39
N ALA D 42 13.88 -6.13 6.31
CA ALA D 42 15.27 -6.39 5.96
C ALA D 42 15.59 -5.97 4.53
N ALA D 43 14.69 -6.28 3.60
CA ALA D 43 14.88 -5.87 2.20
C ALA D 43 14.91 -4.36 2.07
N SER D 44 14.06 -3.67 2.83
CA SER D 44 14.01 -2.21 2.78
C SER D 44 15.30 -1.59 3.30
N VAL D 45 15.82 -2.09 4.40
CA VAL D 45 17.02 -1.47 4.97
C VAL D 45 18.24 -1.76 4.08
N ILE D 46 18.28 -2.94 3.45
CA ILE D 46 19.35 -3.25 2.51
C ILE D 46 19.21 -2.43 1.24
N ALA D 47 17.97 -2.17 0.81
CA ALA D 47 17.73 -1.39 -0.41
C ALA D 47 18.28 0.03 -0.31
N LYS D 48 18.26 0.62 0.88
CA LYS D 48 18.78 1.98 1.01
C LYS D 48 20.24 2.02 1.46
N TYR D 49 20.82 0.87 1.79
CA TYR D 49 22.23 0.81 2.14
C TYR D 49 23.08 1.20 0.93
N PRO D 50 23.98 2.18 1.06
CA PRO D 50 24.61 2.77 -0.13
C PRO D 50 25.92 2.10 -0.56
N HIS D 51 26.14 0.84 -0.19
CA HIS D 51 27.26 0.05 -0.67
C HIS D 51 26.75 -1.27 -1.24
N LYS D 52 27.49 -1.80 -2.21
CA LYS D 52 27.22 -3.16 -2.68
C LYS D 52 27.67 -4.14 -1.61
N ILE D 53 26.72 -4.90 -1.05
CA ILE D 53 26.99 -5.78 0.07
C ILE D 53 27.91 -6.90 -0.35
N LYS D 54 29.03 -7.08 0.38
CA LYS D 54 30.00 -8.12 0.08
C LYS D 54 29.83 -9.38 0.91
N SER D 55 29.10 -9.33 2.02
CA SER D 55 29.00 -10.51 2.86
C SER D 55 27.76 -10.43 3.73
N GLY D 56 27.34 -11.58 4.24
CA GLY D 56 26.24 -11.60 5.19
C GLY D 56 26.57 -10.86 6.47
N ALA D 57 27.84 -10.93 6.90
CA ALA D 57 28.23 -10.26 8.13
C ALA D 57 28.04 -8.75 8.01
N GLU D 58 28.49 -8.18 6.88
CA GLU D 58 28.28 -6.75 6.64
C GLU D 58 26.80 -6.39 6.67
N ALA D 59 25.94 -7.27 6.13
CA ALA D 59 24.52 -6.97 6.12
C ALA D 59 23.92 -7.08 7.51
N LYS D 60 24.37 -8.05 8.30
CA LYS D 60 23.84 -8.25 9.65
C LYS D 60 24.08 -7.05 10.56
N LYS D 61 24.97 -6.14 10.17
CA LYS D 61 25.13 -4.89 10.90
C LYS D 61 23.91 -3.99 10.80
N LEU D 62 23.06 -4.18 9.77
CA LEU D 62 21.90 -3.32 9.56
C LEU D 62 20.73 -3.75 10.45
N PRO D 63 19.93 -2.80 10.94
CA PRO D 63 18.79 -3.15 11.81
C PRO D 63 17.70 -3.86 11.01
N GLY D 64 17.33 -5.05 11.46
CA GLY D 64 16.35 -5.86 10.79
C GLY D 64 16.94 -7.05 10.08
N VAL D 65 18.26 -7.09 9.92
CA VAL D 65 18.97 -8.24 9.36
C VAL D 65 19.59 -9.02 10.52
N GLY D 66 19.23 -10.29 10.65
CA GLY D 66 19.80 -11.13 11.69
C GLY D 66 20.63 -12.28 11.17
N THR D 67 20.80 -13.32 11.98
CA THR D 67 21.69 -14.43 11.63
C THR D 67 21.17 -15.18 10.41
N LYS D 68 19.87 -15.41 10.32
CA LYS D 68 19.33 -16.25 9.25
C LYS D 68 19.42 -15.56 7.90
N ILE D 69 19.03 -14.28 7.84
CA ILE D 69 19.15 -13.58 6.57
C ILE D 69 20.62 -13.40 6.19
N LEU D 70 21.49 -13.24 7.19
CA LEU D 70 22.91 -13.17 6.88
C LEU D 70 23.39 -14.44 6.20
N GLU D 71 22.94 -15.61 6.69
CA GLU D 71 23.32 -16.87 6.06
C GLU D 71 22.79 -16.96 4.64
N LYS D 72 21.54 -16.55 4.42
CA LYS D 72 20.98 -16.55 3.07
C LYS D 72 21.72 -15.59 2.17
N ILE D 73 22.15 -14.45 2.70
CA ILE D 73 22.91 -13.51 1.88
C ILE D 73 24.24 -14.11 1.46
N ASP D 74 24.90 -14.86 2.37
CA ASP D 74 26.15 -15.51 1.99
C ASP D 74 25.91 -16.56 0.90
N GLU D 75 24.88 -17.39 1.05
CA GLU D 75 24.55 -18.36 0.01
C GLU D 75 24.27 -17.67 -1.32
N PHE D 76 23.45 -16.62 -1.29
CA PHE D 76 23.11 -15.95 -2.53
C PHE D 76 24.33 -15.29 -3.17
N LEU D 77 25.21 -14.70 -2.36
CA LEU D 77 26.40 -14.08 -2.94
C LEU D 77 27.35 -15.11 -3.53
N ALA D 78 27.41 -16.31 -2.96
CA ALA D 78 28.31 -17.34 -3.46
C ALA D 78 27.78 -18.02 -4.70
N THR D 79 26.46 -18.22 -4.79
CA THR D 79 25.88 -19.03 -5.85
C THR D 79 25.01 -18.26 -6.82
N GLY D 80 24.58 -17.05 -6.47
CA GLY D 80 23.60 -16.37 -7.28
C GLY D 80 22.18 -16.82 -7.06
N LYS D 81 21.92 -17.71 -6.12
CA LYS D 81 20.57 -18.22 -5.92
C LYS D 81 20.43 -18.75 -4.49
N LEU D 82 19.20 -19.11 -4.13
CA LEU D 82 18.90 -19.59 -2.79
C LEU D 82 18.16 -20.92 -2.92
N ARG D 83 18.78 -22.00 -2.43
CA ARG D 83 18.18 -23.33 -2.50
C ARG D 83 16.78 -23.35 -1.91
N LYS D 84 16.57 -22.67 -0.79
CA LYS D 84 15.25 -22.67 -0.18
C LYS D 84 14.22 -22.09 -1.13
N LEU D 85 14.60 -21.10 -1.93
CA LEU D 85 13.67 -20.52 -2.90
C LEU D 85 13.49 -21.42 -4.12
N GLU D 86 14.57 -22.07 -4.57
CA GLU D 86 14.47 -22.96 -5.72
C GLU D 86 13.47 -24.08 -5.46
N LYS D 87 13.42 -24.57 -4.21
CA LYS D 87 12.46 -25.61 -3.87
C LYS D 87 11.04 -25.06 -3.83
N ILE D 88 10.86 -23.88 -3.22
CA ILE D 88 9.55 -23.24 -3.19
C ILE D 88 9.03 -23.02 -4.61
N ARG D 89 9.90 -22.57 -5.51
CA ARG D 89 9.49 -22.35 -6.89
C ARG D 89 8.99 -23.64 -7.55
N GLN D 90 9.50 -24.79 -7.12
CA GLN D 90 9.15 -26.08 -7.71
C GLN D 90 7.92 -26.71 -7.07
N ASP D 91 7.51 -26.26 -5.89
CA ASP D 91 6.35 -26.81 -5.21
C ASP D 91 5.07 -26.29 -5.86
N ASP D 92 4.20 -27.20 -6.30
CA ASP D 92 3.01 -26.80 -7.05
C ASP D 92 2.01 -26.06 -6.16
N THR D 93 1.79 -26.55 -4.94
CA THR D 93 0.82 -25.89 -4.06
C THR D 93 1.26 -24.46 -3.75
N SER D 94 2.54 -24.27 -3.43
CA SER D 94 3.04 -22.92 -3.22
C SER D 94 2.92 -22.09 -4.50
N SER D 95 3.27 -22.67 -5.64
CA SER D 95 3.16 -21.98 -6.92
C SER D 95 1.73 -21.56 -7.19
N SER D 96 0.78 -22.48 -7.02
CA SER D 96 -0.63 -22.17 -7.22
C SER D 96 -1.07 -21.04 -6.28
N ILE D 97 -0.73 -21.16 -5.00
CA ILE D 97 -1.17 -20.19 -4.00
C ILE D 97 -0.65 -18.81 -4.35
N ASN D 98 0.65 -18.72 -4.66
CA ASN D 98 1.26 -17.45 -4.99
C ASN D 98 0.63 -16.82 -6.22
N PHE D 99 0.21 -17.62 -7.20
CA PHE D 99 -0.46 -17.03 -8.36
C PHE D 99 -1.84 -16.50 -7.98
N LEU D 100 -2.63 -17.31 -7.28
CA LEU D 100 -4.00 -16.92 -6.97
C LEU D 100 -4.05 -15.64 -6.14
N THR D 101 -3.09 -15.47 -5.21
CA THR D 101 -3.09 -14.26 -4.41
C THR D 101 -2.72 -13.02 -5.21
N ARG D 102 -2.30 -13.16 -6.46
CA ARG D 102 -2.08 -11.96 -7.27
C ARG D 102 -3.39 -11.33 -7.75
N VAL D 103 -4.52 -11.99 -7.57
CA VAL D 103 -5.83 -11.39 -7.85
C VAL D 103 -6.24 -10.54 -6.65
N SER D 104 -6.59 -9.28 -6.89
CA SER D 104 -7.06 -8.44 -5.80
C SER D 104 -8.31 -9.04 -5.19
N GLY D 105 -8.33 -9.15 -3.86
CA GLY D 105 -9.43 -9.80 -3.17
C GLY D 105 -9.22 -11.27 -2.85
N ILE D 106 -8.24 -11.93 -3.45
CA ILE D 106 -7.87 -13.30 -3.08
C ILE D 106 -6.66 -13.19 -2.17
N GLY D 107 -6.84 -13.54 -0.89
CA GLY D 107 -5.75 -13.60 0.04
C GLY D 107 -5.24 -15.01 0.26
N PRO D 108 -4.33 -15.16 1.22
CA PRO D 108 -3.78 -16.50 1.53
C PRO D 108 -4.83 -17.55 1.85
N SER D 109 -5.88 -17.18 2.58
CA SER D 109 -6.88 -18.18 2.98
C SER D 109 -7.72 -18.59 1.78
N ALA D 110 -8.25 -17.61 1.03
CA ALA D 110 -9.04 -17.94 -0.15
C ALA D 110 -8.20 -18.66 -1.21
N ALA D 111 -6.91 -18.31 -1.34
CA ALA D 111 -6.07 -19.02 -2.30
C ALA D 111 -5.99 -20.51 -1.97
N ARG D 112 -5.75 -20.84 -0.70
CA ARG D 112 -5.60 -22.23 -0.32
C ARG D 112 -6.90 -23.00 -0.45
N LYS D 113 -8.03 -22.32 -0.19
CA LYS D 113 -9.33 -22.96 -0.39
C LYS D 113 -9.60 -23.21 -1.87
N PHE D 114 -9.27 -22.25 -2.73
CA PHE D 114 -9.45 -22.45 -4.17
C PHE D 114 -8.62 -23.63 -4.68
N VAL D 115 -7.37 -23.76 -4.26
CA VAL D 115 -6.59 -24.91 -4.73
C VAL D 115 -7.21 -26.21 -4.24
N ASP D 116 -7.68 -26.24 -2.97
CA ASP D 116 -8.38 -27.43 -2.47
C ASP D 116 -9.51 -27.85 -3.41
N GLU D 117 -10.20 -26.89 -4.00
CA GLU D 117 -11.34 -27.17 -4.85
C GLU D 117 -10.97 -27.37 -6.31
N GLY D 118 -9.68 -27.35 -6.65
CA GLY D 118 -9.27 -27.52 -8.03
C GLY D 118 -9.35 -26.26 -8.86
N ILE D 119 -9.32 -25.09 -8.23
CA ILE D 119 -9.34 -23.80 -8.91
C ILE D 119 -7.95 -23.19 -8.73
N LYS D 120 -7.09 -23.35 -9.75
CA LYS D 120 -5.68 -23.07 -9.60
C LYS D 120 -5.07 -22.25 -10.72
N THR D 121 -5.79 -21.95 -11.79
CA THR D 121 -5.23 -21.24 -12.92
C THR D 121 -6.17 -20.10 -13.30
N LEU D 122 -5.72 -19.31 -14.26
CA LEU D 122 -6.52 -18.17 -14.71
C LEU D 122 -7.75 -18.65 -15.46
N GLU D 123 -7.64 -19.75 -16.20
CA GLU D 123 -8.80 -20.35 -16.85
C GLU D 123 -9.75 -20.93 -15.84
N ASP D 124 -9.21 -21.53 -14.76
CA ASP D 124 -10.06 -22.02 -13.68
C ASP D 124 -10.88 -20.89 -13.08
N LEU D 125 -10.22 -19.75 -12.82
CA LEU D 125 -10.91 -18.62 -12.22
C LEU D 125 -12.02 -18.11 -13.13
N ARG D 126 -11.70 -17.89 -14.41
CA ARG D 126 -12.69 -17.38 -15.35
C ARG D 126 -13.83 -18.36 -15.54
N LYS D 127 -13.55 -19.66 -15.41
CA LYS D 127 -14.54 -20.72 -15.50
C LYS D 127 -15.46 -20.76 -14.29
N ASN D 128 -15.08 -20.11 -13.18
CA ASN D 128 -15.86 -20.17 -11.95
C ASN D 128 -16.10 -18.79 -11.36
N GLU D 129 -16.48 -17.82 -12.20
CA GLU D 129 -16.78 -16.48 -11.70
C GLU D 129 -17.80 -16.50 -10.57
N ASP D 130 -18.75 -17.44 -10.61
CA ASP D 130 -19.80 -17.49 -9.59
C ASP D 130 -19.28 -17.90 -8.22
N LYS D 131 -18.05 -18.39 -8.13
CA LYS D 131 -17.46 -18.71 -6.82
C LYS D 131 -16.61 -17.59 -6.27
N LEU D 132 -16.59 -16.43 -6.92
CA LEU D 132 -15.84 -15.26 -6.47
C LEU D 132 -16.78 -14.26 -5.83
N ASN D 133 -16.36 -13.64 -4.73
CA ASN D 133 -17.11 -12.50 -4.24
C ASN D 133 -16.89 -11.32 -5.18
N HIS D 134 -17.55 -10.19 -4.88
CA HIS D 134 -17.56 -9.09 -5.82
C HIS D 134 -16.15 -8.53 -6.05
N HIS D 135 -15.43 -8.25 -4.97
CA HIS D 135 -14.06 -7.75 -5.07
C HIS D 135 -13.20 -8.67 -5.93
N GLN D 136 -13.22 -9.98 -5.61
CA GLN D 136 -12.46 -10.95 -6.40
C GLN D 136 -12.85 -10.94 -7.87
N ARG D 137 -14.15 -10.81 -8.14
CA ARG D 137 -14.63 -10.79 -9.52
C ARG D 137 -14.01 -9.63 -10.30
N ILE D 138 -13.94 -8.45 -9.69
CA ILE D 138 -13.36 -7.30 -10.38
C ILE D 138 -11.84 -7.44 -10.49
N GLY D 139 -11.19 -7.96 -9.44
CA GLY D 139 -9.75 -8.22 -9.55
C GLY D 139 -9.41 -9.17 -10.68
N LEU D 140 -10.23 -10.19 -10.89
CA LEU D 140 -9.99 -11.11 -12.00
C LEU D 140 -10.19 -10.40 -13.33
N LYS D 141 -11.27 -9.63 -13.45
CA LYS D 141 -11.55 -8.87 -14.66
C LYS D 141 -10.36 -8.03 -15.10
N TYR D 142 -9.72 -7.35 -14.15
CA TYR D 142 -8.61 -6.44 -14.45
C TYR D 142 -7.26 -7.00 -14.02
N PHE D 143 -7.11 -8.33 -14.07
CA PHE D 143 -5.88 -8.96 -13.59
C PHE D 143 -4.66 -8.43 -14.31
N GLY D 144 -4.71 -8.36 -15.64
CA GLY D 144 -3.55 -7.83 -16.37
C GLY D 144 -3.33 -6.36 -16.08
N ASP D 145 -4.39 -5.56 -16.14
CA ASP D 145 -4.24 -4.12 -15.93
C ASP D 145 -3.64 -3.81 -14.56
N PHE D 146 -4.06 -4.53 -13.51
CA PHE D 146 -3.64 -4.16 -12.16
C PHE D 146 -2.18 -4.49 -11.88
N GLU D 147 -1.49 -5.24 -12.75
CA GLU D 147 -0.07 -5.41 -12.59
C GLU D 147 0.73 -4.42 -13.42
N LYS D 148 0.07 -3.56 -14.18
CA LYS D 148 0.77 -2.51 -14.93
C LYS D 148 1.02 -1.29 -14.06
N ARG D 149 2.17 -0.67 -14.23
CA ARG D 149 2.44 0.52 -13.45
C ARG D 149 1.91 1.78 -14.16
N ILE D 150 1.82 2.87 -13.41
CA ILE D 150 1.23 4.12 -13.92
C ILE D 150 2.35 5.14 -14.10
N PRO D 151 2.63 5.60 -15.31
CA PRO D 151 3.61 6.69 -15.48
C PRO D 151 3.13 7.92 -14.73
N ARG D 152 4.10 8.66 -14.16
CA ARG D 152 3.75 9.89 -13.44
C ARG D 152 2.98 10.85 -14.33
N GLU D 153 3.28 10.86 -15.63
CA GLU D 153 2.52 11.71 -16.54
C GLU D 153 1.03 11.35 -16.49
N GLU D 154 0.73 10.05 -16.48
CA GLU D 154 -0.67 9.63 -16.34
C GLU D 154 -1.21 9.99 -14.96
N MET D 155 -0.38 9.88 -13.91
CA MET D 155 -0.84 10.28 -12.58
C MET D 155 -1.23 11.76 -12.56
N LEU D 156 -0.49 12.58 -13.30
CA LEU D 156 -0.80 14.00 -13.36
C LEU D 156 -2.15 14.25 -14.03
N GLN D 157 -2.43 13.58 -15.15
CA GLN D 157 -3.74 13.75 -15.78
C GLN D 157 -4.85 13.25 -14.86
N MET D 158 -4.61 12.14 -14.15
CA MET D 158 -5.61 11.62 -13.22
C MET D 158 -5.85 12.60 -12.07
N GLN D 159 -4.78 13.15 -11.51
CA GLN D 159 -4.91 14.15 -10.46
C GLN D 159 -5.78 15.30 -10.93
N ASP D 160 -5.59 15.72 -12.19
CA ASP D 160 -6.34 16.86 -12.70
CA ASP D 160 -6.33 16.87 -12.68
C ASP D 160 -7.83 16.58 -12.76
N ILE D 161 -8.19 15.38 -13.23
CA ILE D 161 -9.60 15.02 -13.26
C ILE D 161 -10.18 14.97 -11.86
N VAL D 162 -9.53 14.24 -10.95
CA VAL D 162 -10.08 14.09 -9.60
C VAL D 162 -10.21 15.46 -8.94
N LEU D 163 -9.16 16.28 -9.03
CA LEU D 163 -9.22 17.58 -8.35
C LEU D 163 -10.31 18.47 -8.93
N ASN D 164 -10.44 18.50 -10.27
CA ASN D 164 -11.45 19.37 -10.86
C ASN D 164 -12.86 18.85 -10.64
N GLU D 165 -13.04 17.53 -10.60
CA GLU D 165 -14.39 17.00 -10.42
C GLU D 165 -14.84 17.20 -8.99
N VAL D 166 -13.92 17.02 -8.04
CA VAL D 166 -14.22 17.26 -6.64
C VAL D 166 -14.59 18.73 -6.43
N LYS D 167 -13.86 19.64 -7.08
CA LYS D 167 -14.18 21.06 -7.00
C LYS D 167 -15.59 21.34 -7.50
N LYS D 168 -16.05 20.62 -8.54
CA LYS D 168 -17.40 20.87 -9.06
C LYS D 168 -18.48 20.43 -8.09
N VAL D 169 -18.20 19.42 -7.25
CA VAL D 169 -19.19 18.97 -6.28
C VAL D 169 -19.35 20.01 -5.16
N ASP D 170 -18.22 20.48 -4.63
CA ASP D 170 -18.21 21.43 -3.52
C ASP D 170 -16.82 22.02 -3.43
N SER D 171 -16.69 23.31 -3.73
CA SER D 171 -15.38 23.95 -3.72
C SER D 171 -14.71 23.93 -2.35
N GLU D 172 -15.39 23.47 -1.29
CA GLU D 172 -14.74 23.39 0.01
C GLU D 172 -14.03 22.06 0.26
N TYR D 173 -14.25 21.05 -0.59
CA TYR D 173 -13.43 19.85 -0.55
C TYR D 173 -11.97 20.17 -0.83
N ILE D 174 -11.06 19.42 -0.20
CA ILE D 174 -9.66 19.41 -0.64
C ILE D 174 -9.24 17.96 -0.84
N ALA D 175 -8.83 17.62 -2.06
CA ALA D 175 -8.32 16.30 -2.40
C ALA D 175 -6.81 16.40 -2.60
N THR D 176 -6.08 15.46 -2.00
CA THR D 176 -4.63 15.44 -2.01
C THR D 176 -4.18 14.05 -2.46
N VAL D 177 -3.46 13.98 -3.58
CA VAL D 177 -2.92 12.69 -4.02
C VAL D 177 -1.70 12.34 -3.15
N CYS D 178 -1.75 11.18 -2.50
CA CYS D 178 -0.72 10.74 -1.59
C CYS D 178 -0.02 9.51 -2.13
N GLY D 179 0.26 8.52 -1.28
CA GLY D 179 0.97 7.37 -1.85
C GLY D 179 2.33 7.73 -2.43
N SER D 180 2.80 6.86 -3.34
CA SER D 180 4.09 7.07 -3.98
C SER D 180 4.12 8.33 -4.85
N PHE D 181 2.96 8.78 -5.34
CA PHE D 181 2.95 10.01 -6.11
C PHE D 181 3.44 11.18 -5.26
N ARG D 182 2.95 11.28 -4.02
CA ARG D 182 3.38 12.37 -3.15
C ARG D 182 4.84 12.23 -2.74
N ARG D 183 5.37 11.00 -2.72
CA ARG D 183 6.78 10.81 -2.46
C ARG D 183 7.64 11.09 -3.69
N GLY D 184 7.04 11.59 -4.78
CA GLY D 184 7.79 11.97 -5.97
C GLY D 184 8.14 10.85 -6.92
N ALA D 185 7.52 9.68 -6.80
CA ALA D 185 7.88 8.56 -7.65
C ALA D 185 7.57 8.84 -9.12
N GLU D 186 8.42 8.32 -10.02
CA GLU D 186 8.18 8.49 -11.45
C GLU D 186 7.14 7.52 -12.01
N SER D 187 6.74 6.52 -11.23
CA SER D 187 5.58 5.72 -11.55
C SER D 187 4.96 5.24 -10.24
N SER D 188 3.68 4.88 -10.30
CA SER D 188 2.94 4.45 -9.12
C SER D 188 2.17 3.17 -9.43
N GLY D 189 1.89 2.38 -8.39
CA GLY D 189 1.09 1.19 -8.58
C GLY D 189 -0.40 1.47 -8.71
N ASP D 190 -0.85 2.60 -8.20
CA ASP D 190 -2.26 2.97 -8.16
C ASP D 190 -2.34 4.45 -7.76
N MET D 191 -3.55 4.94 -7.54
CA MET D 191 -3.74 6.31 -7.09
C MET D 191 -4.39 6.33 -5.71
N ASP D 192 -3.79 7.09 -4.80
CA ASP D 192 -4.31 7.29 -3.44
C ASP D 192 -4.72 8.75 -3.28
N VAL D 193 -5.97 8.97 -2.90
CA VAL D 193 -6.52 10.32 -2.75
C VAL D 193 -7.00 10.50 -1.32
N LEU D 194 -6.38 11.43 -0.60
CA LEU D 194 -6.91 11.85 0.69
C LEU D 194 -7.93 12.95 0.42
N LEU D 195 -9.04 12.91 1.13
CA LEU D 195 -10.11 13.87 0.94
C LEU D 195 -10.51 14.48 2.27
N THR D 196 -10.67 15.80 2.31
CA THR D 196 -11.25 16.48 3.46
C THR D 196 -12.36 17.44 3.03
N HIS D 197 -13.23 17.78 3.98
CA HIS D 197 -14.31 18.75 3.79
C HIS D 197 -14.59 19.32 5.17
N PRO D 198 -14.77 20.63 5.29
CA PRO D 198 -14.96 21.23 6.64
C PRO D 198 -16.16 20.69 7.40
N SER D 199 -17.15 20.11 6.72
CA SER D 199 -18.30 19.58 7.44
C SER D 199 -17.98 18.30 8.22
N PHE D 200 -16.86 17.65 7.96
CA PHE D 200 -16.49 16.40 8.64
C PHE D 200 -15.21 16.67 9.42
N THR D 201 -15.34 16.77 10.75
CA THR D 201 -14.23 16.97 11.67
C THR D 201 -14.24 15.86 12.73
N SER D 202 -13.21 15.88 13.58
CA SER D 202 -13.18 14.93 14.69
C SER D 202 -14.32 15.16 15.67
N GLU D 203 -14.97 16.33 15.62
CA GLU D 203 -16.01 16.64 16.60
C GLU D 203 -17.42 16.51 16.05
N SER D 204 -17.62 16.54 14.74
CA SER D 204 -18.96 16.33 14.21
C SER D 204 -18.91 16.03 12.72
N THR D 205 -19.98 15.40 12.24
CA THR D 205 -20.28 15.26 10.81
C THR D 205 -21.54 16.07 10.54
N LYS D 206 -21.37 17.24 9.93
CA LYS D 206 -22.48 18.18 9.73
C LYS D 206 -23.16 18.00 8.38
N GLN D 207 -22.76 17.01 7.60
CA GLN D 207 -23.28 16.81 6.28
C GLN D 207 -23.05 15.35 5.90
N PRO D 208 -24.09 14.63 5.48
CA PRO D 208 -23.91 13.22 5.10
C PRO D 208 -23.41 13.08 3.68
N LYS D 209 -23.10 11.83 3.31
CA LYS D 209 -22.78 11.43 1.93
C LYS D 209 -21.56 12.17 1.37
N LEU D 210 -20.70 12.69 2.24
CA LEU D 210 -19.56 13.48 1.79
C LEU D 210 -18.67 12.68 0.84
N LEU D 211 -18.35 11.45 1.23
CA LEU D 211 -17.57 10.60 0.33
C LEU D 211 -18.39 10.14 -0.86
N HIS D 212 -19.64 9.73 -0.61
CA HIS D 212 -20.51 9.24 -1.68
C HIS D 212 -20.64 10.23 -2.83
N GLN D 213 -20.89 11.49 -2.50
CA GLN D 213 -21.08 12.55 -3.50
C GLN D 213 -19.92 12.63 -4.47
N VAL D 214 -18.69 12.56 -3.94
CA VAL D 214 -17.52 12.61 -4.78
C VAL D 214 -17.44 11.37 -5.67
N VAL D 215 -17.66 10.18 -5.09
CA VAL D 215 -17.59 8.95 -5.86
C VAL D 215 -18.61 8.98 -7.01
N GLU D 216 -19.85 9.33 -6.68
CA GLU D 216 -20.91 9.51 -7.66
C GLU D 216 -20.50 10.43 -8.80
N GLN D 217 -19.91 11.59 -8.47
CA GLN D 217 -19.48 12.50 -9.53
C GLN D 217 -18.37 11.88 -10.40
N LEU D 218 -17.45 11.13 -9.79
CA LEU D 218 -16.39 10.51 -10.60
C LEU D 218 -16.92 9.36 -11.44
N GLN D 219 -17.95 8.66 -10.95
CA GLN D 219 -18.62 7.67 -11.78
C GLN D 219 -19.36 8.34 -12.93
N LYS D 220 -20.02 9.46 -12.67
CA LYS D 220 -20.84 10.06 -13.71
C LYS D 220 -20.01 10.57 -14.88
N VAL D 221 -18.73 10.95 -14.66
CA VAL D 221 -17.87 11.37 -15.76
C VAL D 221 -17.05 10.17 -16.24
N HIS D 222 -17.42 8.97 -15.78
CA HIS D 222 -16.82 7.71 -16.22
C HIS D 222 -15.35 7.61 -15.87
N PHE D 223 -14.90 8.35 -14.85
CA PHE D 223 -13.54 8.14 -14.37
C PHE D 223 -13.48 6.90 -13.47
N ILE D 224 -14.35 6.85 -12.46
CA ILE D 224 -14.50 5.63 -11.66
C ILE D 224 -15.39 4.66 -12.43
N THR D 225 -14.93 3.42 -12.59
CA THR D 225 -15.61 2.42 -13.40
C THR D 225 -16.12 1.24 -12.60
N ASP D 226 -15.52 0.95 -11.44
CA ASP D 226 -15.92 -0.20 -10.66
C ASP D 226 -15.66 0.11 -9.19
N THR D 227 -16.36 -0.61 -8.32
CA THR D 227 -16.26 -0.44 -6.87
C THR D 227 -15.87 -1.77 -6.24
N LEU D 228 -14.76 -1.78 -5.48
CA LEU D 228 -14.37 -2.98 -4.76
C LEU D 228 -15.00 -3.00 -3.37
N SER D 229 -14.90 -1.89 -2.65
CA SER D 229 -15.58 -1.71 -1.38
C SER D 229 -15.84 -0.23 -1.20
N LYS D 230 -16.78 0.09 -0.32
CA LYS D 230 -17.16 1.48 -0.13
C LYS D 230 -17.86 1.61 1.21
N GLY D 231 -17.38 2.50 2.06
CA GLY D 231 -18.09 2.91 3.26
C GLY D 231 -18.12 4.42 3.38
N GLU D 232 -18.36 4.92 4.59
N GLU D 232 -18.35 4.90 4.61
CA GLU D 232 -18.50 6.36 4.79
CA GLU D 232 -18.48 6.33 4.86
C GLU D 232 -17.17 7.10 4.79
C GLU D 232 -17.16 7.07 4.71
N THR D 233 -16.03 6.41 4.96
CA THR D 233 -14.74 7.11 4.92
C THR D 233 -13.70 6.51 3.98
N LYS D 234 -13.90 5.31 3.43
CA LYS D 234 -12.91 4.68 2.57
C LYS D 234 -13.58 4.11 1.33
N PHE D 235 -13.19 4.63 0.15
CA PHE D 235 -13.57 4.03 -1.11
C PHE D 235 -12.39 3.26 -1.69
N MET D 236 -12.68 2.10 -2.27
CA MET D 236 -11.66 1.27 -2.92
C MET D 236 -12.24 0.81 -4.25
N GLY D 237 -11.63 1.23 -5.35
CA GLY D 237 -12.24 0.99 -6.63
C GLY D 237 -11.28 0.99 -7.80
N VAL D 238 -11.85 1.26 -8.97
CA VAL D 238 -11.20 1.17 -10.26
C VAL D 238 -11.52 2.44 -11.05
N CYS D 239 -10.52 2.98 -11.74
CA CYS D 239 -10.70 4.20 -12.49
C CYS D 239 -9.97 4.04 -13.83
N GLN D 240 -10.20 4.99 -14.74
CA GLN D 240 -9.58 4.90 -16.07
C GLN D 240 -9.59 6.26 -16.71
N LEU D 241 -8.44 6.66 -17.24
CA LEU D 241 -8.36 7.89 -18.02
C LEU D 241 -9.13 7.76 -19.34
N PRO D 242 -9.70 8.86 -19.83
CA PRO D 242 -10.31 8.84 -21.17
C PRO D 242 -9.24 8.87 -22.25
N SER D 243 -9.50 8.13 -23.30
CA SER D 243 -8.64 8.06 -24.47
C SER D 243 -9.25 8.85 -25.61
N LYS D 244 -8.40 9.26 -26.55
CA LYS D 244 -8.83 10.09 -27.67
C LYS D 244 -9.37 9.20 -28.80
N ASN D 245 -9.91 9.85 -29.84
CA ASN D 245 -10.42 9.11 -30.98
C ASN D 245 -9.34 8.23 -31.60
N ASP D 246 -9.69 6.98 -31.88
CA ASP D 246 -8.84 5.93 -32.47
C ASP D 246 -7.72 5.47 -31.54
N GLU D 247 -7.55 6.08 -30.36
CA GLU D 247 -6.51 5.64 -29.43
C GLU D 247 -6.90 4.33 -28.75
N LYS D 248 -5.90 3.51 -28.48
CA LYS D 248 -6.11 2.37 -27.59
C LYS D 248 -6.48 2.88 -26.20
N GLU D 249 -7.33 2.14 -25.50
CA GLU D 249 -7.72 2.61 -24.17
C GLU D 249 -6.58 2.49 -23.17
N TYR D 250 -6.58 3.39 -22.20
CA TYR D 250 -5.66 3.28 -21.09
C TYR D 250 -6.02 2.06 -20.25
N PRO D 251 -5.06 1.46 -19.55
CA PRO D 251 -5.41 0.39 -18.62
C PRO D 251 -6.28 0.93 -17.50
N HIS D 252 -7.12 0.06 -16.96
CA HIS D 252 -7.88 0.41 -15.76
C HIS D 252 -6.92 0.40 -14.56
N ARG D 253 -7.15 1.32 -13.62
CA ARG D 253 -6.23 1.55 -12.51
C ARG D 253 -6.96 1.41 -11.17
N ARG D 254 -6.24 0.92 -10.16
CA ARG D 254 -6.80 0.92 -8.82
C ARG D 254 -6.78 2.33 -8.24
N ILE D 255 -7.86 2.70 -7.54
CA ILE D 255 -7.93 3.98 -6.86
C ILE D 255 -8.46 3.76 -5.45
N ASP D 256 -7.85 4.42 -4.47
CA ASP D 256 -8.30 4.44 -3.09
C ASP D 256 -8.55 5.87 -2.70
N ILE D 257 -9.69 6.13 -2.04
CA ILE D 257 -10.04 7.47 -1.57
C ILE D 257 -10.37 7.37 -0.10
N ARG D 258 -9.67 8.14 0.73
CA ARG D 258 -9.84 8.14 2.18
C ARG D 258 -10.27 9.54 2.61
N LEU D 259 -11.48 9.63 3.14
CA LEU D 259 -12.01 10.85 3.74
C LEU D 259 -11.52 10.91 5.18
N ILE D 260 -10.85 12.00 5.53
CA ILE D 260 -10.17 12.13 6.82
C ILE D 260 -10.76 13.37 7.51
N PRO D 261 -11.03 13.33 8.81
CA PRO D 261 -11.52 14.54 9.48
C PRO D 261 -10.58 15.71 9.25
N LYS D 262 -11.16 16.85 8.86
CA LYS D 262 -10.33 17.94 8.34
C LYS D 262 -9.30 18.41 9.36
N ASP D 263 -9.68 18.50 10.64
CA ASP D 263 -8.73 18.94 11.66
C ASP D 263 -7.61 17.93 11.90
N GLN D 264 -7.77 16.69 11.46
CA GLN D 264 -6.75 15.65 11.63
C GLN D 264 -5.99 15.37 10.33
N TYR D 265 -5.88 16.38 9.48
CA TYR D 265 -5.30 16.23 8.15
C TYR D 265 -3.84 15.78 8.22
N TYR D 266 -3.06 16.32 9.16
CA TYR D 266 -1.63 16.05 9.15
C TYR D 266 -1.34 14.61 9.52
N CYS D 267 -2.04 14.06 10.52
CA CYS D 267 -1.89 12.63 10.78
C CYS D 267 -2.39 11.82 9.58
N GLY D 268 -3.47 12.26 8.95
CA GLY D 268 -4.00 11.53 7.81
C GLY D 268 -3.07 11.52 6.63
N VAL D 269 -2.40 12.65 6.37
CA VAL D 269 -1.55 12.71 5.19
C VAL D 269 -0.21 12.04 5.46
N LEU D 270 0.24 12.07 6.72
CA LEU D 270 1.39 11.25 7.10
C LEU D 270 1.11 9.77 6.81
N TYR D 271 -0.06 9.31 7.23
CA TYR D 271 -0.40 7.90 7.03
C TYR D 271 -0.45 7.54 5.55
N PHE D 272 -1.18 8.33 4.75
CA PHE D 272 -1.46 7.97 3.35
C PHE D 272 -0.27 8.23 2.44
N THR D 273 0.68 9.05 2.87
CA THR D 273 1.90 9.20 2.11
C THR D 273 2.81 7.98 2.23
N GLY D 274 2.78 7.29 3.37
CA GLY D 274 3.62 6.11 3.55
C GLY D 274 5.14 6.32 3.40
N SER D 275 5.88 5.35 2.87
CA SER D 275 5.40 4.03 2.47
C SER D 275 4.83 3.20 3.62
N ASP D 276 4.33 2.01 3.30
CA ASP D 276 3.81 1.14 4.35
C ASP D 276 4.92 0.81 5.33
N ILE D 277 6.10 0.46 4.83
CA ILE D 277 7.20 0.09 5.73
C ILE D 277 7.63 1.29 6.56
N PHE D 278 7.68 2.48 5.95
CA PHE D 278 8.04 3.68 6.71
C PHE D 278 7.07 3.92 7.84
N ASN D 279 5.77 3.74 7.58
CA ASN D 279 4.76 3.88 8.61
C ASN D 279 4.97 2.87 9.73
N LYS D 280 5.21 1.61 9.38
CA LYS D 280 5.50 0.58 10.39
C LYS D 280 6.71 0.97 11.24
N ASN D 281 7.81 1.35 10.58
CA ASN D 281 9.00 1.74 11.32
C ASN D 281 8.75 2.95 12.22
N MET D 282 8.03 3.96 11.70
CA MET D 282 7.83 5.19 12.47
C MET D 282 6.88 4.95 13.64
N ARG D 283 5.81 4.19 13.42
CA ARG D 283 4.89 3.85 14.49
C ARG D 283 5.57 2.96 15.52
N ALA D 284 6.41 2.02 15.09
CA ALA D 284 7.19 1.23 16.04
C ALA D 284 8.12 2.11 16.86
N HIS D 285 8.72 3.12 16.23
CA HIS D 285 9.55 4.07 16.96
C HIS D 285 8.71 4.88 17.95
N ALA D 286 7.53 5.33 17.52
CA ALA D 286 6.60 6.00 18.43
C ALA D 286 6.38 5.17 19.70
N LEU D 287 6.08 3.88 19.54
CA LEU D 287 5.81 3.02 20.69
C LEU D 287 7.01 2.97 21.64
N GLU D 288 8.20 2.80 21.08
CA GLU D 288 9.41 2.84 21.90
C GLU D 288 9.54 4.18 22.62
N LYS D 289 9.08 5.27 21.99
CA LYS D 289 9.14 6.59 22.60
C LYS D 289 7.99 6.84 23.57
N GLY D 290 7.07 5.89 23.70
CA GLY D 290 5.91 6.07 24.54
C GLY D 290 4.74 6.78 23.92
N PHE D 291 4.55 6.65 22.61
CA PHE D 291 3.41 7.25 21.91
C PHE D 291 2.80 6.22 20.98
N THR D 292 1.56 6.46 20.57
CA THR D 292 0.98 5.68 19.49
C THR D 292 0.42 6.63 18.44
N ILE D 293 0.63 6.27 17.17
CA ILE D 293 0.23 7.09 16.03
C ILE D 293 -0.73 6.28 15.16
N ASN D 294 -1.87 6.87 14.84
CA ASN D 294 -2.68 6.32 13.76
C ASN D 294 -2.96 7.43 12.75
N GLU D 295 -3.90 7.22 11.81
CA GLU D 295 -4.12 8.22 10.78
C GLU D 295 -4.90 9.43 11.28
N TYR D 296 -5.31 9.44 12.55
CA TYR D 296 -6.09 10.49 13.17
C TYR D 296 -5.29 11.32 14.17
N THR D 297 -4.53 10.65 15.03
CA THR D 297 -3.95 11.29 16.20
C THR D 297 -2.59 10.69 16.49
N ILE D 298 -1.79 11.41 17.28
CA ILE D 298 -0.71 10.83 18.07
C ILE D 298 -1.08 11.03 19.53
N ARG D 299 -1.02 9.95 20.30
CA ARG D 299 -1.41 9.96 21.71
C ARG D 299 -0.27 9.43 22.57
N PRO D 300 -0.12 9.92 23.79
CA PRO D 300 0.85 9.32 24.71
C PRO D 300 0.33 8.00 25.24
N LEU D 301 1.26 7.17 25.70
CA LEU D 301 0.95 5.96 26.45
C LEU D 301 1.21 6.19 27.94
N GLY D 302 0.21 5.90 28.78
CA GLY D 302 0.44 5.85 30.21
C GLY D 302 1.19 4.59 30.61
N VAL D 303 1.68 4.58 31.85
CA VAL D 303 2.32 3.36 32.38
C VAL D 303 1.36 2.20 32.29
N THR D 304 0.08 2.48 32.56
CA THR D 304 -1.07 1.71 32.09
C THR D 304 -0.79 0.87 30.86
N GLY D 305 -0.35 1.52 29.77
CA GLY D 305 -0.33 0.93 28.45
C GLY D 305 -1.48 1.36 27.57
N VAL D 306 -2.49 2.04 28.12
CA VAL D 306 -3.62 2.55 27.35
C VAL D 306 -3.27 3.94 26.82
N ALA D 307 -3.68 4.21 25.59
CA ALA D 307 -3.46 5.52 24.99
C ALA D 307 -4.21 6.60 25.75
N GLY D 308 -3.56 7.75 25.92
CA GLY D 308 -4.17 8.93 26.51
C GLY D 308 -4.80 9.82 25.46
N GLU D 309 -4.88 11.12 25.77
CA GLU D 309 -5.61 12.03 24.90
C GLU D 309 -4.75 12.50 23.73
N PRO D 310 -5.37 12.80 22.59
CA PRO D 310 -4.61 13.30 21.44
C PRO D 310 -3.80 14.56 21.77
N LEU D 311 -2.58 14.61 21.26
CA LEU D 311 -1.68 15.74 21.40
C LEU D 311 -1.90 16.74 20.27
N PRO D 312 -1.60 18.03 20.48
CA PRO D 312 -1.80 19.02 19.42
C PRO D 312 -0.82 18.80 18.28
N VAL D 313 -1.33 18.80 17.06
CA VAL D 313 -0.55 18.57 15.86
C VAL D 313 -0.89 19.69 14.88
N ASP D 314 0.12 20.43 14.44
CA ASP D 314 -0.13 21.50 13.48
C ASP D 314 0.76 21.41 12.25
N SER D 315 1.39 20.27 12.03
CA SER D 315 2.21 20.03 10.85
C SER D 315 2.61 18.58 10.89
N GLU D 316 3.06 18.06 9.75
CA GLU D 316 3.64 16.73 9.78
C GLU D 316 4.85 16.70 10.69
N LYS D 317 5.62 17.81 10.71
CA LYS D 317 6.85 17.86 11.48
C LYS D 317 6.59 17.77 12.98
N ASP D 318 5.45 18.30 13.45
CA ASP D 318 5.10 18.13 14.87
C ASP D 318 5.09 16.66 15.25
N ILE D 319 4.60 15.80 14.35
CA ILE D 319 4.52 14.38 14.69
C ILE D 319 5.91 13.80 14.85
N PHE D 320 6.80 14.08 13.88
CA PHE D 320 8.21 13.71 13.99
C PHE D 320 8.85 14.25 15.28
N ASP D 321 8.57 15.50 15.63
CA ASP D 321 9.16 16.10 16.83
C ASP D 321 8.79 15.32 18.09
N TYR D 322 7.51 14.93 18.22
CA TYR D 322 7.09 14.20 19.42
C TYR D 322 7.93 12.95 19.65
N ILE D 323 8.28 12.24 18.58
CA ILE D 323 9.00 10.99 18.68
C ILE D 323 10.51 11.19 18.50
N GLN D 324 10.95 12.45 18.41
CA GLN D 324 12.36 12.81 18.40
C GLN D 324 13.07 12.30 17.15
N TRP D 325 12.34 12.31 16.03
CA TRP D 325 12.90 12.10 14.70
C TRP D 325 13.10 13.44 14.02
N LYS D 326 14.22 13.61 13.35
CA LYS D 326 14.34 14.75 12.43
C LYS D 326 13.34 14.56 11.31
N TYR D 327 12.88 15.68 10.75
CA TYR D 327 11.83 15.64 9.75
C TYR D 327 12.34 14.94 8.49
N ARG D 328 11.48 14.14 7.87
CA ARG D 328 11.80 13.50 6.61
C ARG D 328 10.76 13.91 5.57
N GLU D 329 11.21 14.60 4.53
CA GLU D 329 10.32 14.98 3.45
C GLU D 329 9.72 13.73 2.79
N PRO D 330 8.55 13.85 2.17
CA PRO D 330 7.90 12.67 1.56
C PRO D 330 8.81 11.89 0.62
N LYS D 331 9.65 12.57 -0.16
CA LYS D 331 10.57 11.90 -1.08
C LYS D 331 11.59 11.03 -0.35
N ASP D 332 11.75 11.19 0.96
CA ASP D 332 12.69 10.37 1.70
C ASP D 332 11.98 9.35 2.59
N ARG D 333 10.73 9.03 2.30
CA ARG D 333 10.00 8.03 3.06
C ARG D 333 9.76 6.76 2.26
N SER D 334 10.43 6.60 1.11
CA SER D 334 10.18 5.47 0.22
C SER D 334 11.02 4.28 0.69
N GLU D 335 10.66 3.79 1.87
CA GLU D 335 11.29 2.60 2.41
C GLU D 335 10.57 1.37 1.89
#